data_6IEV
#
_entry.id   6IEV
#
_cell.length_a   124.855
_cell.length_b   124.855
_cell.length_c   58.450
_cell.angle_alpha   90.00
_cell.angle_beta   90.00
_cell.angle_gamma   90.00
#
_symmetry.space_group_name_H-M   'P 43 21 2'
#
loop_
_entity.id
_entity.type
_entity.pdbx_description
1 polymer 'Designed protein'
2 water water
#
_entity_poly.entity_id   1
_entity_poly.type   'polypeptide(L)'
_entity_poly.pdbx_seq_one_letter_code
;MRGSHHHHHHGSARPSNVKPSPHVIMSLEELREATASNRISVIVFTLPDSKRSNEIKEKLRKLAEVFPDVDTYSVDTSTN
PEAREWYNITSVPTFVIEKGGEPLGEVKGPDIDKLRVTLDELLARKLN
;
_entity_poly.pdbx_strand_id   A,B,C
#
# COMPACT_ATOMS: atom_id res chain seq x y z
N ASN A 17 -8.48 1.66 -12.09
CA ASN A 17 -8.84 0.46 -11.32
C ASN A 17 -7.95 -0.78 -11.60
N VAL A 18 -8.36 -1.94 -11.09
CA VAL A 18 -7.57 -3.18 -11.13
C VAL A 18 -8.37 -4.29 -11.82
N LYS A 19 -7.65 -5.26 -12.43
CA LYS A 19 -8.25 -6.50 -12.92
C LYS A 19 -9.10 -7.08 -11.79
N PRO A 20 -10.23 -7.79 -12.08
CA PRO A 20 -10.75 -8.71 -11.07
C PRO A 20 -9.60 -9.53 -10.53
N SER A 21 -9.27 -9.37 -9.26
CA SER A 21 -8.09 -10.02 -8.74
C SER A 21 -8.46 -10.81 -7.50
N PRO A 22 -7.79 -11.95 -7.25
CA PRO A 22 -6.95 -12.63 -8.24
C PRO A 22 -7.78 -13.14 -9.42
N HIS A 23 -7.22 -13.15 -10.62
CA HIS A 23 -7.93 -13.69 -11.77
C HIS A 23 -7.95 -15.22 -11.68
N VAL A 24 -9.13 -15.83 -11.76
CA VAL A 24 -9.22 -17.29 -11.66
C VAL A 24 -8.82 -17.93 -12.99
N ILE A 25 -7.82 -18.82 -12.94
CA ILE A 25 -7.23 -19.43 -14.13
C ILE A 25 -7.96 -20.73 -14.47
N MET A 26 -8.27 -20.91 -15.75
CA MET A 26 -8.97 -22.13 -16.17
C MET A 26 -8.08 -23.25 -16.71
N SER A 27 -6.88 -22.96 -17.20
CA SER A 27 -6.10 -23.98 -17.89
C SER A 27 -4.62 -23.62 -17.84
N LEU A 28 -3.80 -24.65 -18.09
CA LEU A 28 -2.36 -24.43 -18.17
C LEU A 28 -2.01 -23.48 -19.31
N GLU A 29 -2.69 -23.62 -20.45
CA GLU A 29 -2.41 -22.74 -21.58
C GLU A 29 -2.72 -21.28 -21.23
N GLU A 30 -3.84 -21.02 -20.55
CA GLU A 30 -4.10 -19.66 -20.12
C GLU A 30 -3.03 -19.19 -19.14
N LEU A 31 -2.62 -20.06 -18.21
CA LEU A 31 -1.66 -19.65 -17.19
C LEU A 31 -0.29 -19.35 -17.81
N ARG A 32 0.15 -20.14 -18.78
CA ARG A 32 1.45 -19.90 -19.40
C ARG A 32 1.48 -18.62 -20.22
N GLU A 33 0.39 -18.31 -20.92
CA GLU A 33 0.34 -17.05 -21.65
C GLU A 33 0.26 -15.86 -20.71
N ALA A 34 -0.35 -16.01 -19.54
CA ALA A 34 -0.39 -14.93 -18.57
C ALA A 34 0.99 -14.64 -18.01
N THR A 35 1.69 -15.66 -17.55
CA THR A 35 2.98 -15.43 -16.91
C THR A 35 4.08 -15.09 -17.89
N ALA A 36 3.88 -15.30 -19.20
CA ALA A 36 4.93 -14.98 -20.16
C ALA A 36 5.18 -13.48 -20.25
N SER A 37 4.30 -12.66 -19.69
CA SER A 37 4.51 -11.22 -19.61
C SER A 37 5.77 -10.88 -18.82
N ASN A 38 6.27 -9.67 -19.05
CA ASN A 38 7.41 -9.18 -18.28
C ASN A 38 7.00 -8.48 -16.99
N ARG A 39 5.70 -8.36 -16.73
CA ARG A 39 5.25 -8.05 -15.39
C ARG A 39 5.47 -9.24 -14.45
N ILE A 40 5.42 -8.94 -13.17
CA ILE A 40 5.54 -9.96 -12.13
C ILE A 40 4.16 -10.55 -11.89
N SER A 41 4.06 -11.87 -11.97
CA SER A 41 2.85 -12.61 -11.69
C SER A 41 2.95 -13.33 -10.35
N VAL A 42 1.88 -13.29 -9.57
CA VAL A 42 1.79 -14.06 -8.33
C VAL A 42 0.63 -15.03 -8.46
N ILE A 43 0.91 -16.32 -8.29
CA ILE A 43 -0.08 -17.37 -8.49
C ILE A 43 -0.26 -18.14 -7.20
N VAL A 44 -1.49 -18.24 -6.73
CA VAL A 44 -1.80 -19.08 -5.58
C VAL A 44 -2.42 -20.37 -6.11
N PHE A 45 -1.85 -21.50 -5.69
CA PHE A 45 -2.39 -22.82 -5.99
C PHE A 45 -3.12 -23.33 -4.76
N THR A 46 -4.43 -23.54 -4.88
CA THR A 46 -5.27 -23.86 -3.74
C THR A 46 -6.17 -25.04 -4.04
N LEU A 47 -6.89 -25.46 -3.00
CA LEU A 47 -8.00 -26.40 -3.00
C LEU A 47 -9.31 -25.66 -2.78
N PRO A 48 -10.48 -26.26 -3.14
CA PRO A 48 -11.69 -25.44 -3.29
C PRO A 48 -12.05 -24.64 -2.05
N ASP A 49 -12.38 -25.29 -0.93
CA ASP A 49 -12.86 -24.55 0.24
C ASP A 49 -12.10 -25.03 1.48
N SER A 50 -10.93 -24.43 1.65
CA SER A 50 -10.09 -24.54 2.83
C SER A 50 -10.32 -23.32 3.69
N LYS A 51 -10.17 -23.53 4.98
CA LYS A 51 -10.58 -22.57 5.99
C LYS A 51 -9.82 -21.25 5.92
N ARG A 52 -8.74 -21.17 5.12
CA ARG A 52 -8.04 -19.91 4.77
C ARG A 52 -8.56 -19.22 3.54
N SER A 53 -9.34 -19.92 2.73
CA SER A 53 -9.47 -19.54 1.33
C SER A 53 -9.99 -18.12 1.15
N ASN A 54 -10.98 -17.73 1.94
CA ASN A 54 -11.49 -16.37 1.79
C ASN A 54 -10.46 -15.32 2.20
N GLU A 55 -9.56 -15.65 3.15
CA GLU A 55 -8.51 -14.68 3.46
C GLU A 55 -7.42 -14.72 2.39
N ILE A 56 -7.22 -15.86 1.74
CA ILE A 56 -6.21 -15.92 0.70
C ILE A 56 -6.62 -15.06 -0.48
N LYS A 57 -7.92 -15.06 -0.84
CA LYS A 57 -8.42 -14.27 -1.94
C LYS A 57 -8.34 -12.78 -1.63
N GLU A 58 -8.80 -12.38 -0.43
CA GLU A 58 -8.87 -10.96 -0.12
C GLU A 58 -7.47 -10.37 0.00
N LYS A 59 -6.55 -11.15 0.57
CA LYS A 59 -5.16 -10.73 0.56
C LYS A 59 -4.56 -10.61 -0.82
N LEU A 60 -4.75 -11.62 -1.62
CA LEU A 60 -4.20 -11.53 -2.94
C LEU A 60 -4.80 -10.32 -3.64
N ARG A 61 -6.06 -10.05 -3.34
CA ARG A 61 -6.71 -8.92 -3.97
C ARG A 61 -6.10 -7.58 -3.54
N LYS A 62 -5.89 -7.38 -2.22
CA LYS A 62 -5.28 -6.13 -1.77
C LYS A 62 -3.88 -5.98 -2.32
N LEU A 63 -3.14 -7.08 -2.40
CA LEU A 63 -1.78 -6.98 -2.88
C LEU A 63 -1.74 -6.56 -4.34
N ALA A 64 -2.78 -6.90 -5.12
CA ALA A 64 -2.81 -6.41 -6.50
C ALA A 64 -3.13 -4.93 -6.54
N GLU A 65 -3.92 -4.45 -5.56
CA GLU A 65 -4.29 -3.05 -5.52
C GLU A 65 -3.09 -2.18 -5.16
N VAL A 66 -2.25 -2.65 -4.23
CA VAL A 66 -1.12 -1.87 -3.72
C VAL A 66 0.14 -2.04 -4.56
N PHE A 67 0.14 -2.96 -5.50
CA PHE A 67 1.30 -3.19 -6.35
C PHE A 67 0.91 -3.01 -7.79
N PRO A 68 1.45 -2.02 -8.45
CA PRO A 68 0.94 -1.64 -9.76
C PRO A 68 1.29 -2.65 -10.83
N ASP A 69 2.56 -3.04 -10.86
CA ASP A 69 3.09 -3.90 -11.92
C ASP A 69 3.00 -5.38 -11.56
N VAL A 70 2.07 -5.76 -10.70
CA VAL A 70 1.97 -7.14 -10.22
C VAL A 70 0.59 -7.66 -10.57
N ASP A 71 0.54 -8.82 -11.21
CA ASP A 71 -0.73 -9.50 -11.47
C ASP A 71 -0.84 -10.73 -10.59
N THR A 72 -2.03 -10.98 -10.08
CA THR A 72 -2.27 -12.08 -9.16
C THR A 72 -3.23 -13.06 -9.82
N TYR A 73 -2.99 -14.35 -9.57
CA TYR A 73 -3.76 -15.43 -10.19
C TYR A 73 -4.05 -16.50 -9.16
N SER A 74 -5.15 -17.21 -9.40
CA SER A 74 -5.61 -18.30 -8.55
C SER A 74 -5.81 -19.56 -9.39
N VAL A 75 -5.26 -20.68 -8.92
CA VAL A 75 -5.39 -21.93 -9.66
C VAL A 75 -5.95 -22.99 -8.72
N ASP A 76 -7.15 -23.48 -9.01
CA ASP A 76 -7.71 -24.56 -8.22
C ASP A 76 -7.10 -25.89 -8.69
N THR A 77 -6.22 -26.48 -7.88
CA THR A 77 -5.53 -27.70 -8.32
C THR A 77 -6.47 -28.88 -8.49
N SER A 78 -7.63 -28.87 -7.83
CA SER A 78 -8.50 -30.05 -7.94
C SER A 78 -9.15 -30.15 -9.31
N THR A 79 -9.26 -29.04 -10.04
CA THR A 79 -9.74 -29.03 -11.42
C THR A 79 -8.65 -28.70 -12.44
N ASN A 80 -7.41 -28.47 -12.00
CA ASN A 80 -6.28 -28.15 -12.88
C ASN A 80 -5.06 -29.01 -12.55
N PRO A 81 -5.15 -30.33 -12.75
CA PRO A 81 -3.96 -31.15 -12.44
C PRO A 81 -2.75 -30.87 -13.33
N GLU A 82 -2.97 -30.52 -14.60
CA GLU A 82 -1.83 -30.19 -15.46
C GLU A 82 -1.06 -28.96 -14.96
N ALA A 83 -1.77 -27.94 -14.45
CA ALA A 83 -1.04 -26.79 -13.91
C ALA A 83 -0.33 -27.16 -12.61
N ARG A 84 -0.96 -27.98 -11.77
CA ARG A 84 -0.29 -28.48 -10.57
C ARG A 84 0.99 -29.22 -10.91
N GLU A 85 0.93 -30.11 -11.90
CA GLU A 85 2.12 -30.88 -12.30
C GLU A 85 3.18 -29.96 -12.89
N TRP A 86 2.79 -29.04 -13.77
CA TRP A 86 3.75 -28.22 -14.51
C TRP A 86 4.62 -27.39 -13.57
N TYR A 87 4.02 -26.82 -12.54
CA TYR A 87 4.74 -26.01 -11.58
C TYR A 87 5.23 -26.79 -10.38
N ASN A 88 5.13 -28.12 -10.42
CA ASN A 88 5.70 -28.97 -9.37
C ASN A 88 5.18 -28.60 -7.98
N ILE A 89 3.87 -28.44 -7.87
CA ILE A 89 3.26 -28.04 -6.60
C ILE A 89 3.09 -29.28 -5.74
N THR A 90 3.75 -29.28 -4.57
CA THR A 90 3.77 -30.43 -3.71
C THR A 90 2.83 -30.32 -2.51
N SER A 91 2.39 -29.11 -2.16
CA SER A 91 1.37 -28.94 -1.14
C SER A 91 0.59 -27.67 -1.45
N VAL A 92 -0.62 -27.59 -0.89
CA VAL A 92 -1.44 -26.39 -1.08
C VAL A 92 -1.75 -25.84 0.31
N PRO A 93 -1.95 -24.53 0.46
CA PRO A 93 -1.76 -23.57 -0.64
C PRO A 93 -0.30 -23.27 -0.84
N THR A 94 0.07 -22.98 -2.08
CA THR A 94 1.42 -22.54 -2.43
C THR A 94 1.31 -21.31 -3.31
N PHE A 95 2.21 -20.36 -3.09
CA PHE A 95 2.36 -19.18 -3.91
C PHE A 95 3.60 -19.31 -4.77
N VAL A 96 3.48 -18.95 -6.05
CA VAL A 96 4.60 -18.90 -6.97
C VAL A 96 4.70 -17.49 -7.52
N ILE A 97 5.91 -16.95 -7.58
CA ILE A 97 6.16 -15.63 -8.15
C ILE A 97 6.94 -15.82 -9.44
N GLU A 98 6.42 -15.27 -10.54
CA GLU A 98 7.03 -15.46 -11.85
C GLU A 98 7.21 -14.12 -12.55
N LYS A 99 8.18 -14.09 -13.45
CA LYS A 99 8.37 -12.94 -14.35
C LYS A 99 8.97 -13.47 -15.63
N GLY A 100 8.36 -13.11 -16.76
CA GLY A 100 8.84 -13.62 -18.05
C GLY A 100 8.94 -15.13 -18.10
N GLY A 101 7.99 -15.84 -17.50
CA GLY A 101 7.98 -17.28 -17.53
C GLY A 101 8.99 -17.96 -16.63
N GLU A 102 9.80 -17.21 -15.91
CA GLU A 102 10.80 -17.77 -15.03
C GLU A 102 10.39 -17.58 -13.58
N PRO A 103 10.52 -18.62 -12.75
CA PRO A 103 10.16 -18.49 -11.33
C PRO A 103 11.20 -17.72 -10.55
N LEU A 104 10.73 -16.74 -9.77
CA LEU A 104 11.55 -15.92 -8.90
C LEU A 104 11.43 -16.24 -7.43
N GLY A 105 10.40 -16.99 -7.03
CA GLY A 105 10.21 -17.29 -5.63
C GLY A 105 8.98 -18.13 -5.41
N GLU A 106 8.92 -18.73 -4.22
CA GLU A 106 7.84 -19.61 -3.83
C GLU A 106 7.62 -19.49 -2.34
N VAL A 107 6.37 -19.46 -1.90
CA VAL A 107 6.04 -19.39 -0.48
C VAL A 107 5.08 -20.52 -0.17
N LYS A 108 5.52 -21.44 0.66
CA LYS A 108 4.78 -22.64 0.98
C LYS A 108 4.00 -22.41 2.26
N GLY A 109 2.73 -22.74 2.22
CA GLY A 109 1.89 -22.58 3.35
C GLY A 109 1.01 -21.39 3.17
N PRO A 110 0.05 -21.22 4.06
CA PRO A 110 -0.93 -20.15 3.93
C PRO A 110 -0.36 -18.89 4.54
N ASP A 111 0.96 -18.72 4.44
CA ASP A 111 1.59 -17.59 5.13
C ASP A 111 1.77 -16.51 4.07
N ILE A 112 0.72 -15.73 3.87
CA ILE A 112 0.68 -14.60 2.95
C ILE A 112 1.43 -13.39 3.50
N ASP A 113 1.46 -13.18 4.83
CA ASP A 113 2.46 -12.22 5.33
C ASP A 113 3.85 -12.54 4.80
N LYS A 114 4.19 -13.83 4.75
CA LYS A 114 5.44 -14.22 4.16
C LYS A 114 5.47 -13.83 2.70
N LEU A 115 4.32 -13.95 2.04
CA LEU A 115 4.27 -13.70 0.61
C LEU A 115 4.60 -12.26 0.30
N ARG A 116 3.95 -11.32 1.01
CA ARG A 116 4.25 -9.91 0.79
C ARG A 116 5.71 -9.60 1.10
N VAL A 117 6.25 -10.15 2.19
CA VAL A 117 7.65 -9.92 2.53
C VAL A 117 8.55 -10.45 1.42
N THR A 118 8.28 -11.66 0.95
CA THR A 118 9.08 -12.25 -0.12
C THR A 118 9.02 -11.40 -1.37
N LEU A 119 7.82 -10.92 -1.71
CA LEU A 119 7.66 -10.11 -2.91
C LEU A 119 8.42 -8.80 -2.78
N ASP A 120 8.35 -8.16 -1.60
CA ASP A 120 9.07 -6.91 -1.39
C ASP A 120 10.57 -7.11 -1.58
N GLU A 121 11.09 -8.23 -1.08
CA GLU A 121 12.52 -8.54 -1.21
C GLU A 121 12.89 -8.81 -2.66
N LEU A 122 11.97 -9.37 -3.46
CA LEU A 122 12.26 -9.54 -4.87
C LEU A 122 12.27 -8.22 -5.61
N LEU A 123 11.39 -7.28 -5.23
CA LEU A 123 11.42 -5.96 -5.86
C LEU A 123 12.58 -5.10 -5.40
N ALA A 124 13.24 -5.48 -4.31
CA ALA A 124 14.36 -4.70 -3.81
C ALA A 124 15.62 -5.00 -4.63
N ARG A 125 16.65 -4.20 -4.39
CA ARG A 125 17.96 -4.42 -4.99
C ARG A 125 18.90 -4.96 -3.91
N LYS A 126 19.40 -6.19 -4.10
CA LYS A 126 20.27 -6.78 -3.10
C LYS A 126 21.59 -6.02 -3.02
N LEU A 127 22.12 -5.93 -1.80
CA LEU A 127 23.34 -5.16 -1.43
C LEU A 127 23.06 -3.65 -1.31
N PRO B 20 9.16 18.75 4.19
CA PRO B 20 10.62 18.83 4.05
C PRO B 20 11.24 17.46 3.75
N SER B 21 11.90 17.33 2.59
CA SER B 21 12.48 16.08 2.09
C SER B 21 13.24 15.42 3.22
N PRO B 22 13.39 14.10 3.24
CA PRO B 22 14.05 13.49 4.40
C PRO B 22 15.46 14.03 4.54
N HIS B 23 15.88 14.23 5.79
CA HIS B 23 17.20 14.76 6.05
C HIS B 23 18.27 13.74 5.69
N VAL B 24 19.25 14.14 4.88
CA VAL B 24 20.34 13.26 4.45
C VAL B 24 21.36 13.09 5.57
N ILE B 25 21.66 11.83 5.92
CA ILE B 25 22.49 11.49 7.08
C ILE B 25 23.96 11.41 6.68
N MET B 26 24.84 12.00 7.50
CA MET B 26 26.28 11.99 7.23
C MET B 26 27.00 10.80 7.83
N SER B 27 26.50 10.22 8.91
CA SER B 27 27.31 9.26 9.64
C SER B 27 26.42 8.43 10.54
N LEU B 28 26.97 7.31 11.00
CA LEU B 28 26.26 6.53 12.00
C LEU B 28 26.06 7.33 13.27
N GLU B 29 27.06 8.13 13.65
CA GLU B 29 26.92 8.89 14.90
C GLU B 29 25.75 9.88 14.80
N GLU B 30 25.63 10.56 13.67
CA GLU B 30 24.50 11.46 13.52
C GLU B 30 23.18 10.70 13.59
N LEU B 31 23.13 9.51 12.95
CA LEU B 31 21.88 8.74 12.89
C LEU B 31 21.46 8.26 14.26
N ARG B 32 22.42 7.81 15.06
CA ARG B 32 22.08 7.35 16.40
C ARG B 32 21.61 8.51 17.29
N GLU B 33 22.19 9.69 17.10
CA GLU B 33 21.73 10.84 17.88
C GLU B 33 20.34 11.27 17.44
N ALA B 34 20.03 11.17 16.15
CA ALA B 34 18.68 11.49 15.69
C ALA B 34 17.66 10.53 16.26
N THR B 35 17.93 9.22 16.19
CA THR B 35 16.93 8.25 16.62
C THR B 35 16.74 8.25 18.13
N ALA B 36 17.63 8.87 18.88
CA ALA B 36 17.43 8.90 20.32
C ALA B 36 16.29 9.83 20.74
N SER B 37 15.82 10.67 19.85
CA SER B 37 14.69 11.54 20.20
C SER B 37 13.47 10.70 20.56
N ASN B 38 12.55 11.28 21.34
CA ASN B 38 11.30 10.61 21.65
C ASN B 38 10.25 10.83 20.59
N ARG B 39 10.54 11.65 19.58
CA ARG B 39 9.75 11.60 18.36
C ARG B 39 10.09 10.32 17.59
N ILE B 40 9.20 9.95 16.70
CA ILE B 40 9.38 8.76 15.89
C ILE B 40 10.23 9.10 14.67
N SER B 41 11.29 8.34 14.46
CA SER B 41 12.16 8.51 13.28
C SER B 41 11.88 7.40 12.28
N VAL B 42 11.76 7.77 11.01
CA VAL B 42 11.64 6.83 9.90
C VAL B 42 12.79 7.09 8.96
N ILE B 43 13.59 6.04 8.72
CA ILE B 43 14.85 6.13 8.00
C ILE B 43 14.78 5.22 6.78
N VAL B 44 15.06 5.76 5.60
CA VAL B 44 15.16 4.94 4.40
C VAL B 44 16.63 4.78 4.01
N PHE B 45 17.03 3.53 3.82
CA PHE B 45 18.38 3.17 3.36
C PHE B 45 18.31 2.89 1.85
N THR B 46 19.06 3.66 1.07
CA THR B 46 18.98 3.62 -0.39
C THR B 46 20.37 3.56 -0.99
N LEU B 47 20.40 3.37 -2.33
CA LEU B 47 21.65 3.54 -3.07
C LEU B 47 21.63 4.89 -3.80
N PRO B 48 22.80 5.50 -4.06
CA PRO B 48 22.81 6.92 -4.45
C PRO B 48 22.09 7.17 -5.76
N ASP B 49 21.80 8.46 -5.99
CA ASP B 49 20.97 9.00 -7.07
C ASP B 49 20.70 8.03 -8.23
N SER B 50 19.88 7.03 -7.94
CA SER B 50 19.11 6.33 -8.95
C SER B 50 17.70 6.88 -8.89
N LYS B 51 17.02 6.98 -10.03
CA LYS B 51 15.71 7.61 -10.00
C LYS B 51 14.69 6.74 -9.28
N ARG B 52 15.04 5.46 -9.00
CA ARG B 52 14.24 4.73 -8.02
C ARG B 52 14.43 5.33 -6.63
N SER B 53 15.67 5.77 -6.34
CA SER B 53 16.01 6.26 -5.01
C SER B 53 15.33 7.60 -4.74
N ASN B 54 15.40 8.51 -5.71
CA ASN B 54 14.75 9.81 -5.52
C ASN B 54 13.24 9.65 -5.45
N GLU B 55 12.71 8.63 -6.09
CA GLU B 55 11.27 8.41 -6.08
C GLU B 55 10.79 7.90 -4.72
N ILE B 56 11.55 7.00 -4.09
CA ILE B 56 11.16 6.53 -2.76
C ILE B 56 11.33 7.64 -1.73
N LYS B 57 12.32 8.53 -1.90
CA LYS B 57 12.51 9.63 -0.94
C LYS B 57 11.30 10.55 -0.92
N GLU B 58 10.74 10.84 -2.09
CA GLU B 58 9.56 11.72 -2.13
C GLU B 58 8.36 11.03 -1.50
N LYS B 59 8.23 9.71 -1.74
CA LYS B 59 7.18 8.96 -1.05
C LYS B 59 7.33 9.06 0.46
N LEU B 60 8.57 8.97 0.97
CA LEU B 60 8.76 9.08 2.41
C LEU B 60 8.38 10.49 2.89
N ARG B 61 8.68 11.51 2.09
CA ARG B 61 8.33 12.86 2.52
C ARG B 61 6.81 13.03 2.61
N LYS B 62 6.08 12.57 1.60
CA LYS B 62 4.62 12.69 1.64
C LYS B 62 4.06 11.95 2.85
N LEU B 63 4.63 10.80 3.21
CA LEU B 63 4.10 10.06 4.37
C LEU B 63 4.31 10.82 5.66
N ALA B 64 5.33 11.67 5.73
CA ALA B 64 5.62 12.40 6.96
C ALA B 64 4.56 13.47 7.25
N GLU B 65 3.90 13.97 6.19
CA GLU B 65 2.90 15.02 6.37
C GLU B 65 1.67 14.53 7.11
N VAL B 66 1.33 13.24 7.00
CA VAL B 66 0.18 12.73 7.73
C VAL B 66 0.54 12.29 9.15
N PHE B 67 1.81 12.37 9.52
CA PHE B 67 2.23 12.05 10.89
C PHE B 67 2.97 13.22 11.53
N PRO B 68 2.41 13.85 12.54
CA PRO B 68 2.97 15.11 13.05
C PRO B 68 4.30 14.90 13.78
N ASP B 69 4.35 13.91 14.65
CA ASP B 69 5.51 13.65 15.49
C ASP B 69 6.55 12.74 14.81
N VAL B 70 6.64 12.76 13.48
CA VAL B 70 7.53 11.88 12.73
C VAL B 70 8.58 12.70 11.98
N ASP B 71 9.86 12.36 12.15
CA ASP B 71 10.94 12.90 11.34
C ASP B 71 11.48 11.81 10.43
N THR B 72 11.84 12.19 9.21
CA THR B 72 12.31 11.26 8.20
C THR B 72 13.76 11.53 7.86
N TYR B 73 14.48 10.46 7.54
CA TYR B 73 15.91 10.52 7.24
C TYR B 73 16.23 9.61 6.07
N SER B 74 17.33 9.95 5.39
CA SER B 74 17.83 9.22 4.24
C SER B 74 19.27 8.82 4.48
N VAL B 75 19.62 7.56 4.19
CA VAL B 75 20.98 7.07 4.38
C VAL B 75 21.44 6.43 3.06
N ASP B 76 22.49 6.97 2.46
CA ASP B 76 23.12 6.37 1.29
C ASP B 76 24.04 5.23 1.74
N THR B 77 23.70 3.98 1.41
CA THR B 77 24.48 2.85 1.95
C THR B 77 25.91 2.84 1.41
N SER B 78 26.14 3.41 0.23
CA SER B 78 27.49 3.38 -0.36
C SER B 78 28.44 4.36 0.30
N THR B 79 27.93 5.45 0.89
CA THR B 79 28.80 6.36 1.62
C THR B 79 28.66 6.19 3.14
N ASN B 80 27.80 5.28 3.58
CA ASN B 80 27.61 4.99 5.01
C ASN B 80 27.73 3.49 5.23
N PRO B 81 28.90 2.91 5.01
CA PRO B 81 29.02 1.46 5.25
C PRO B 81 28.85 1.08 6.72
N GLU B 82 29.25 1.95 7.66
CA GLU B 82 29.06 1.65 9.07
C GLU B 82 27.59 1.55 9.42
N ALA B 83 26.78 2.48 8.91
CA ALA B 83 25.35 2.42 9.21
C ALA B 83 24.69 1.27 8.47
N ARG B 84 25.14 0.97 7.25
CA ARG B 84 24.62 -0.20 6.54
C ARG B 84 24.75 -1.44 7.40
N GLU B 85 25.95 -1.68 7.92
CA GLU B 85 26.21 -2.84 8.74
C GLU B 85 25.44 -2.78 10.06
N TRP B 86 25.45 -1.61 10.71
CA TRP B 86 24.84 -1.46 12.03
C TRP B 86 23.35 -1.74 12.00
N TYR B 87 22.65 -1.31 10.96
CA TYR B 87 21.22 -1.56 10.86
C TYR B 87 20.92 -2.84 10.07
N ASN B 88 21.94 -3.64 9.77
CA ASN B 88 21.75 -4.93 9.12
C ASN B 88 21.04 -4.78 7.77
N ILE B 89 21.47 -3.81 6.97
CA ILE B 89 20.83 -3.51 5.69
C ILE B 89 21.42 -4.42 4.62
N THR B 90 20.59 -5.29 4.04
CA THR B 90 21.06 -6.19 2.98
C THR B 90 20.42 -5.89 1.63
N SER B 91 19.33 -5.14 1.60
CA SER B 91 18.73 -4.72 0.35
C SER B 91 18.20 -3.32 0.51
N VAL B 92 18.10 -2.60 -0.61
CA VAL B 92 17.58 -1.24 -0.61
C VAL B 92 16.40 -1.18 -1.58
N PRO B 93 15.40 -0.34 -1.33
CA PRO B 93 15.32 0.43 -0.08
C PRO B 93 14.80 -0.41 1.09
N THR B 94 15.27 -0.06 2.28
CA THR B 94 14.75 -0.63 3.51
C THR B 94 14.42 0.55 4.42
N PHE B 95 13.26 0.49 5.07
CA PHE B 95 12.81 1.47 6.05
C PHE B 95 12.95 0.89 7.45
N VAL B 96 13.44 1.72 8.37
CA VAL B 96 13.51 1.38 9.79
C VAL B 96 12.78 2.46 10.56
N ILE B 97 11.95 2.04 11.52
CA ILE B 97 11.22 2.94 12.40
C ILE B 97 11.83 2.83 13.78
N GLU B 98 12.16 3.99 14.38
CA GLU B 98 12.82 4.06 15.67
C GLU B 98 12.08 5.05 16.57
N LYS B 99 12.17 4.83 17.88
CA LYS B 99 11.70 5.82 18.84
C LYS B 99 12.53 5.69 20.10
N GLY B 100 13.11 6.80 20.55
CA GLY B 100 13.97 6.75 21.72
C GLY B 100 15.10 5.75 21.60
N GLY B 101 15.71 5.62 20.43
CA GLY B 101 16.82 4.70 20.31
C GLY B 101 16.44 3.24 20.18
N GLU B 102 15.15 2.93 20.14
CA GLU B 102 14.66 1.59 20.01
C GLU B 102 14.05 1.39 18.64
N PRO B 103 14.41 0.35 17.90
CA PRO B 103 13.75 0.11 16.61
C PRO B 103 12.36 -0.46 16.89
N LEU B 104 11.37 0.05 16.18
CA LEU B 104 10.00 -0.41 16.35
C LEU B 104 9.48 -1.26 15.20
N GLY B 105 10.14 -1.21 14.05
CA GLY B 105 9.62 -1.89 12.89
C GLY B 105 10.58 -1.68 11.73
N GLU B 106 10.42 -2.53 10.74
CA GLU B 106 11.33 -2.56 9.60
C GLU B 106 10.52 -3.03 8.42
N VAL B 107 10.77 -2.42 7.26
CA VAL B 107 10.15 -2.86 6.03
C VAL B 107 11.25 -2.97 4.98
N LYS B 108 11.47 -4.18 4.49
CA LYS B 108 12.53 -4.45 3.54
C LYS B 108 11.92 -4.41 2.14
N GLY B 109 12.40 -3.50 1.30
CA GLY B 109 11.86 -3.39 -0.04
C GLY B 109 10.97 -2.17 -0.21
N PRO B 110 10.59 -1.85 -1.45
CA PRO B 110 9.88 -0.63 -1.79
C PRO B 110 8.37 -0.65 -1.55
N ASP B 111 7.96 -1.03 -0.34
CA ASP B 111 6.54 -1.14 0.02
C ASP B 111 6.16 0.01 0.95
N ILE B 112 5.90 1.19 0.36
CA ILE B 112 5.54 2.33 1.21
C ILE B 112 4.21 2.06 1.90
N ASP B 113 3.34 1.25 1.28
CA ASP B 113 2.04 1.03 1.90
C ASP B 113 2.18 0.19 3.17
N LYS B 114 3.09 -0.79 3.19
CA LYS B 114 3.25 -1.55 4.42
C LYS B 114 3.91 -0.71 5.51
N LEU B 115 4.78 0.22 5.13
CA LEU B 115 5.33 1.15 6.11
C LEU B 115 4.22 1.99 6.74
N ARG B 116 3.31 2.50 5.91
CA ARG B 116 2.21 3.29 6.45
C ARG B 116 1.37 2.47 7.44
N VAL B 117 1.04 1.25 7.05
CA VAL B 117 0.25 0.36 7.92
C VAL B 117 0.98 0.09 9.23
N THR B 118 2.29 -0.22 9.16
CA THR B 118 3.06 -0.47 10.38
C THR B 118 3.03 0.74 11.30
N LEU B 119 3.19 1.94 10.73
CA LEU B 119 3.19 3.17 11.51
C LEU B 119 1.83 3.45 12.15
N ASP B 120 0.74 3.26 11.41
CA ASP B 120 -0.59 3.45 11.98
C ASP B 120 -0.84 2.49 13.15
N GLU B 121 -0.40 1.23 13.03
CA GLU B 121 -0.60 0.29 14.12
C GLU B 121 0.22 0.65 15.34
N LEU B 122 1.40 1.27 15.15
CA LEU B 122 2.22 1.67 16.29
C LEU B 122 1.60 2.83 17.06
N LEU B 123 0.98 3.78 16.34
CA LEU B 123 0.36 4.92 16.98
C LEU B 123 -0.98 4.60 17.64
N ALA B 124 -1.52 3.39 17.44
CA ALA B 124 -2.77 3.01 18.10
C ALA B 124 -2.54 2.59 19.56
N PRO C 20 -13.21 8.81 16.09
CA PRO C 20 -13.09 7.87 14.97
C PRO C 20 -13.14 8.61 13.63
N SER C 21 -12.04 8.56 12.90
CA SER C 21 -11.80 9.34 11.69
C SER C 21 -11.75 8.52 10.39
N PRO C 22 -12.03 9.18 9.26
CA PRO C 22 -11.66 8.62 7.95
C PRO C 22 -10.16 8.47 7.78
N HIS C 23 -9.78 7.51 6.93
CA HIS C 23 -8.37 7.24 6.69
C HIS C 23 -7.73 8.43 5.96
N VAL C 24 -6.67 8.98 6.56
CA VAL C 24 -6.00 10.17 6.04
C VAL C 24 -5.11 9.79 4.86
N ILE C 25 -5.29 10.46 3.73
CA ILE C 25 -4.58 10.12 2.51
C ILE C 25 -3.26 10.89 2.47
N MET C 26 -2.18 10.17 2.18
CA MET C 26 -0.85 10.79 2.12
C MET C 26 -0.44 11.23 0.71
N SER C 27 -1.07 10.73 -0.34
CA SER C 27 -0.56 11.03 -1.67
C SER C 27 -1.62 10.74 -2.72
N LEU C 28 -1.41 11.31 -3.90
CA LEU C 28 -2.27 10.92 -5.01
C LEU C 28 -2.19 9.41 -5.26
N GLU C 29 -0.99 8.84 -5.13
CA GLU C 29 -0.95 7.43 -5.40
C GLU C 29 -1.69 6.58 -4.38
N GLU C 30 -1.55 6.86 -3.10
CA GLU C 30 -2.33 6.08 -2.15
C GLU C 30 -3.81 6.18 -2.48
N LEU C 31 -4.27 7.38 -2.87
CA LEU C 31 -5.70 7.60 -3.12
C LEU C 31 -6.18 6.80 -4.32
N ARG C 32 -5.37 6.72 -5.37
CA ARG C 32 -5.76 5.96 -6.54
C ARG C 32 -5.77 4.46 -6.24
N GLU C 33 -4.85 4.00 -5.39
CA GLU C 33 -4.90 2.60 -5.00
C GLU C 33 -6.14 2.33 -4.18
N ALA C 34 -6.54 3.29 -3.33
CA ALA C 34 -7.73 3.09 -2.50
C ALA C 34 -8.99 3.01 -3.35
N THR C 35 -9.20 3.98 -4.24
CA THR C 35 -10.45 4.00 -4.99
C THR C 35 -10.53 2.88 -6.02
N ALA C 36 -9.42 2.19 -6.30
CA ALA C 36 -9.47 1.05 -7.20
C ALA C 36 -10.17 -0.14 -6.57
N SER C 37 -10.35 -0.15 -5.24
CA SER C 37 -11.15 -1.21 -4.63
C SER C 37 -12.58 -1.16 -5.15
N ASN C 38 -13.25 -2.31 -5.14
CA ASN C 38 -14.65 -2.29 -5.58
C ASN C 38 -15.62 -2.09 -4.44
N ARG C 39 -15.13 -1.95 -3.22
CA ARG C 39 -15.96 -1.30 -2.21
C ARG C 39 -16.12 0.18 -2.58
N ILE C 40 -17.12 0.82 -1.97
CA ILE C 40 -17.40 2.23 -2.23
C ILE C 40 -16.46 3.07 -1.39
N SER C 41 -15.76 4.00 -2.04
CA SER C 41 -14.90 4.96 -1.36
C SER C 41 -15.59 6.32 -1.37
N VAL C 42 -15.63 6.97 -0.20
CA VAL C 42 -16.13 8.34 -0.07
C VAL C 42 -14.96 9.15 0.46
N ILE C 43 -14.58 10.19 -0.28
CA ILE C 43 -13.39 11.00 -0.01
C ILE C 43 -13.83 12.44 0.23
N VAL C 44 -13.42 13.00 1.38
CA VAL C 44 -13.68 14.41 1.66
C VAL C 44 -12.38 15.16 1.46
N PHE C 45 -12.44 16.21 0.63
CA PHE C 45 -11.31 17.10 0.38
C PHE C 45 -11.53 18.37 1.21
N THR C 46 -10.57 18.70 2.08
CA THR C 46 -10.74 19.81 3.01
C THR C 46 -9.53 20.73 3.01
N LEU C 47 -9.67 21.87 3.71
CA LEU C 47 -8.51 22.67 4.07
C LEU C 47 -8.26 22.57 5.57
N PRO C 48 -7.01 22.63 6.03
CA PRO C 48 -6.73 22.21 7.41
C PRO C 48 -7.26 23.15 8.47
N ASP C 49 -7.07 24.46 8.30
CA ASP C 49 -7.40 25.43 9.34
C ASP C 49 -8.89 25.63 9.50
N SER C 50 -9.70 24.78 8.90
CA SER C 50 -11.07 25.13 8.62
C SER C 50 -11.83 24.59 9.82
N LYS C 51 -12.58 25.46 10.51
CA LYS C 51 -12.88 25.07 11.89
C LYS C 51 -13.84 23.91 11.98
N ARG C 52 -14.72 23.72 11.00
CA ARG C 52 -15.41 22.45 11.09
C ARG C 52 -14.82 21.43 10.14
N SER C 53 -13.55 21.58 9.76
CA SER C 53 -12.90 20.52 9.00
C SER C 53 -12.88 19.27 9.85
N ASN C 54 -12.59 19.42 11.14
CA ASN C 54 -12.69 18.30 12.04
C ASN C 54 -14.12 17.84 12.25
N GLU C 55 -15.14 18.69 12.08
CA GLU C 55 -16.49 18.22 12.34
C GLU C 55 -17.03 17.44 11.16
N ILE C 56 -16.67 17.89 9.95
CA ILE C 56 -17.07 17.22 8.73
C ILE C 56 -16.35 15.87 8.64
N LYS C 57 -15.11 15.79 9.15
CA LYS C 57 -14.41 14.51 9.09
C LYS C 57 -15.07 13.48 9.99
N GLU C 58 -15.36 13.82 11.25
CA GLU C 58 -16.00 12.87 12.14
C GLU C 58 -17.47 12.60 11.77
N LYS C 59 -18.20 13.58 11.27
CA LYS C 59 -19.51 13.23 10.73
C LYS C 59 -19.39 12.24 9.57
N LEU C 60 -18.40 12.42 8.70
CA LEU C 60 -18.24 11.49 7.58
C LEU C 60 -17.97 10.06 8.06
N ARG C 61 -17.12 9.89 9.07
CA ARG C 61 -16.86 8.55 9.60
C ARG C 61 -18.08 8.02 10.34
N LYS C 62 -18.75 8.87 11.12
CA LYS C 62 -19.95 8.45 11.83
C LYS C 62 -21.00 7.94 10.85
N LEU C 63 -21.13 8.62 9.70
CA LEU C 63 -22.04 8.21 8.65
C LEU C 63 -21.63 6.88 8.01
N ALA C 64 -20.34 6.55 8.05
CA ALA C 64 -19.88 5.31 7.46
C ALA C 64 -20.39 4.08 8.21
N GLU C 65 -20.73 4.24 9.48
CA GLU C 65 -21.16 3.09 10.28
C GLU C 65 -22.43 2.45 9.74
N VAL C 66 -23.35 3.26 9.21
CA VAL C 66 -24.62 2.75 8.72
C VAL C 66 -24.57 2.31 7.26
N PHE C 67 -23.40 2.42 6.61
CA PHE C 67 -23.24 2.02 5.23
C PHE C 67 -22.21 0.90 5.21
N PRO C 68 -22.58 -0.32 4.86
CA PRO C 68 -21.72 -1.48 5.15
C PRO C 68 -20.44 -1.55 4.33
N ASP C 69 -20.57 -1.45 3.01
CA ASP C 69 -19.43 -1.64 2.10
C ASP C 69 -18.73 -0.35 1.73
N VAL C 70 -18.68 0.63 2.64
CA VAL C 70 -18.19 1.97 2.34
C VAL C 70 -16.97 2.26 3.20
N ASP C 71 -15.89 2.71 2.57
CA ASP C 71 -14.70 3.22 3.25
C ASP C 71 -14.60 4.73 3.07
N THR C 72 -14.18 5.44 4.13
CA THR C 72 -14.10 6.88 4.09
C THR C 72 -12.65 7.34 4.17
N TYR C 73 -12.36 8.43 3.45
CA TYR C 73 -11.01 8.97 3.34
C TYR C 73 -11.07 10.49 3.41
N SER C 74 -9.97 11.10 3.87
CA SER C 74 -9.85 12.54 3.93
C SER C 74 -8.58 12.95 3.23
N VAL C 75 -8.66 14.03 2.44
CA VAL C 75 -7.52 14.57 1.71
C VAL C 75 -7.35 16.03 2.12
N ASP C 76 -6.22 16.35 2.72
CA ASP C 76 -5.89 17.73 3.00
C ASP C 76 -5.35 18.33 1.71
N THR C 77 -6.14 19.19 1.05
CA THR C 77 -5.70 19.69 -0.24
C THR C 77 -4.46 20.58 -0.15
N SER C 78 -4.16 21.17 1.01
CA SER C 78 -3.00 22.06 1.06
C SER C 78 -1.69 21.28 1.02
N THR C 79 -1.69 20.01 1.42
CA THR C 79 -0.51 19.18 1.27
C THR C 79 -0.63 18.17 0.14
N ASN C 80 -1.73 18.16 -0.62
CA ASN C 80 -1.92 17.25 -1.74
C ASN C 80 -2.39 18.03 -2.95
N PRO C 81 -1.56 18.91 -3.51
CA PRO C 81 -2.00 19.65 -4.69
C PRO C 81 -2.19 18.72 -5.89
N GLU C 82 -1.40 17.66 -6.00
CA GLU C 82 -1.56 16.74 -7.12
C GLU C 82 -2.91 16.04 -7.10
N ALA C 83 -3.37 15.62 -5.92
CA ALA C 83 -4.68 14.99 -5.86
C ALA C 83 -5.80 16.01 -6.08
N ARG C 84 -5.62 17.24 -5.56
CA ARG C 84 -6.61 18.28 -5.82
C ARG C 84 -6.80 18.49 -7.31
N GLU C 85 -5.69 18.61 -8.04
CA GLU C 85 -5.77 18.77 -9.48
C GLU C 85 -6.36 17.53 -10.14
N TRP C 86 -5.88 16.33 -9.75
CA TRP C 86 -6.31 15.12 -10.45
C TRP C 86 -7.82 14.91 -10.33
N TYR C 87 -8.38 15.15 -9.14
CA TYR C 87 -9.83 15.03 -8.95
C TYR C 87 -10.58 16.34 -9.25
N ASN C 88 -9.88 17.36 -9.78
CA ASN C 88 -10.51 18.63 -10.19
C ASN C 88 -11.30 19.26 -9.05
N ILE C 89 -10.68 19.32 -7.88
CA ILE C 89 -11.37 19.88 -6.71
C ILE C 89 -11.20 21.39 -6.76
N THR C 90 -12.30 22.12 -6.95
CA THR C 90 -12.27 23.56 -7.13
C THR C 90 -12.77 24.35 -5.94
N SER C 91 -13.44 23.71 -4.98
CA SER C 91 -13.76 24.36 -3.71
C SER C 91 -13.70 23.31 -2.61
N VAL C 92 -13.48 23.74 -1.38
CA VAL C 92 -13.47 22.78 -0.28
C VAL C 92 -14.44 23.28 0.77
N PRO C 93 -15.10 22.39 1.54
CA PRO C 93 -14.99 20.93 1.37
C PRO C 93 -15.77 20.35 0.19
N THR C 94 -15.23 19.29 -0.41
CA THR C 94 -15.94 18.56 -1.45
C THR C 94 -15.84 17.08 -1.14
N PHE C 95 -16.94 16.35 -1.38
CA PHE C 95 -16.99 14.89 -1.31
C PHE C 95 -17.03 14.30 -2.70
N VAL C 96 -16.23 13.24 -2.90
CA VAL C 96 -16.22 12.44 -4.13
C VAL C 96 -16.53 10.98 -3.76
N ILE C 97 -17.42 10.37 -4.53
CA ILE C 97 -17.79 8.97 -4.34
C ILE C 97 -17.20 8.17 -5.48
N GLU C 98 -16.45 7.12 -5.14
CA GLU C 98 -15.77 6.32 -6.13
C GLU C 98 -16.08 4.84 -5.95
N LYS C 99 -16.02 4.08 -7.04
CA LYS C 99 -16.10 2.62 -6.96
C LYS C 99 -15.32 2.00 -8.12
N GLY C 100 -14.38 1.13 -7.80
CA GLY C 100 -13.59 0.52 -8.86
C GLY C 100 -12.93 1.54 -9.76
N GLY C 101 -12.38 2.63 -9.18
CA GLY C 101 -11.68 3.63 -9.98
C GLY C 101 -12.57 4.54 -10.79
N GLU C 102 -13.88 4.40 -10.67
CA GLU C 102 -14.85 5.22 -11.38
C GLU C 102 -15.48 6.20 -10.42
N PRO C 103 -15.54 7.49 -10.77
CA PRO C 103 -16.23 8.44 -9.90
C PRO C 103 -17.73 8.26 -10.08
N LEU C 104 -18.45 8.10 -8.98
CA LEU C 104 -19.89 7.90 -9.06
C LEU C 104 -20.70 9.13 -8.69
N GLY C 105 -20.11 10.11 -8.03
CA GLY C 105 -20.87 11.28 -7.62
C GLY C 105 -19.98 12.23 -6.84
N GLU C 106 -20.48 13.45 -6.67
CA GLU C 106 -19.73 14.51 -6.02
C GLU C 106 -20.72 15.38 -5.26
N VAL C 107 -20.35 15.82 -4.06
CA VAL C 107 -21.20 16.72 -3.27
C VAL C 107 -20.36 17.89 -2.81
N LYS C 108 -20.72 19.08 -3.24
CA LYS C 108 -19.93 20.26 -2.98
C LYS C 108 -20.46 20.96 -1.74
N GLY C 109 -19.57 21.21 -0.77
CA GLY C 109 -19.97 21.90 0.43
C GLY C 109 -20.08 20.96 1.61
N PRO C 110 -20.25 21.52 2.82
CA PRO C 110 -20.26 20.68 4.02
C PRO C 110 -21.64 20.11 4.30
N ASP C 111 -22.33 19.62 3.27
CA ASP C 111 -23.72 19.20 3.39
C ASP C 111 -23.73 17.67 3.51
N ILE C 112 -23.60 17.20 4.75
CA ILE C 112 -23.55 15.77 5.04
C ILE C 112 -24.84 15.07 4.66
N ASP C 113 -25.97 15.75 4.78
CA ASP C 113 -27.24 15.10 4.48
C ASP C 113 -27.41 14.90 2.99
N LYS C 114 -26.91 15.83 2.16
CA LYS C 114 -26.95 15.61 0.72
C LYS C 114 -26.02 14.48 0.31
N LEU C 115 -24.89 14.34 1.01
CA LEU C 115 -24.01 13.21 0.73
C LEU C 115 -24.69 11.91 1.10
N ARG C 116 -25.35 11.87 2.25
CA ARG C 116 -26.05 10.67 2.65
C ARG C 116 -27.11 10.28 1.62
N VAL C 117 -27.90 11.27 1.17
CA VAL C 117 -28.93 11.02 0.17
C VAL C 117 -28.33 10.51 -1.12
N THR C 118 -27.28 11.19 -1.59
CA THR C 118 -26.63 10.82 -2.85
C THR C 118 -26.10 9.41 -2.78
N LEU C 119 -25.48 9.08 -1.65
CA LEU C 119 -24.91 7.75 -1.46
C LEU C 119 -26.00 6.70 -1.49
N ASP C 120 -27.15 6.96 -0.85
CA ASP C 120 -28.24 5.99 -0.86
C ASP C 120 -28.82 5.78 -2.26
N GLU C 121 -28.95 6.87 -3.05
CA GLU C 121 -29.40 6.69 -4.43
C GLU C 121 -28.52 5.76 -5.25
N LEU C 122 -27.21 5.77 -5.00
CA LEU C 122 -26.34 4.87 -5.73
C LEU C 122 -26.59 3.42 -5.33
N LEU C 123 -26.87 3.19 -4.05
CA LEU C 123 -27.11 1.86 -3.52
C LEU C 123 -28.48 1.31 -3.90
N ALA C 124 -29.35 2.13 -4.49
CA ALA C 124 -30.66 1.65 -4.93
C ALA C 124 -30.55 0.92 -6.27
#